data_1VFJ
#
_entry.id   1VFJ
#
_cell.length_a   53.144
_cell.length_b   75.228
_cell.length_c   76.816
_cell.angle_alpha   90.00
_cell.angle_beta   90.00
_cell.angle_gamma   90.00
#
_symmetry.space_group_name_H-M   'P 21 21 21'
#
loop_
_entity.id
_entity.type
_entity.pdbx_description
1 polymer 'nitrogen regulatory protein p-II'
2 water water
#
_entity_poly.entity_id   1
_entity_poly.type   'polypeptide(L)'
_entity_poly.pdbx_seq_one_letter_code
;MKLIVAIVRPEKLNEVLKALFQAEVRGLTLSRVQGHGGETERVETYRGTTVKMELHEKVRLEIGVSEPFVKPTVEAILKA
ARTGEVGDGKIFVLPVEKVYRIRTGEEDEAAVTPVQ
;
_entity_poly.pdbx_strand_id   A,B,C
#
# COMPACT_ATOMS: atom_id res chain seq x y z
N MET A 1 -4.68 14.83 7.97
CA MET A 1 -3.52 14.10 7.36
C MET A 1 -4.04 13.19 6.26
N LYS A 2 -3.19 12.93 5.27
CA LYS A 2 -3.56 12.00 4.21
C LYS A 2 -2.32 11.16 3.89
N LEU A 3 -2.57 9.96 3.38
CA LEU A 3 -1.45 9.13 2.98
C LEU A 3 -1.57 9.10 1.46
N ILE A 4 -0.53 9.57 0.79
CA ILE A 4 -0.57 9.59 -0.67
C ILE A 4 0.21 8.41 -1.24
N VAL A 5 -0.44 7.62 -2.09
CA VAL A 5 0.25 6.49 -2.71
C VAL A 5 0.27 6.81 -4.21
N ALA A 6 1.48 6.90 -4.78
CA ALA A 6 1.60 7.20 -6.20
C ALA A 6 2.35 6.08 -6.93
N ILE A 7 1.84 5.69 -8.09
CA ILE A 7 2.47 4.66 -8.93
C ILE A 7 3.01 5.43 -10.16
N VAL A 8 4.33 5.43 -10.37
CA VAL A 8 4.94 6.17 -11.50
C VAL A 8 5.94 5.30 -12.25
N ARG A 9 6.31 5.74 -13.45
CA ARG A 9 7.28 5.01 -14.26
C ARG A 9 8.66 5.15 -13.66
N PRO A 10 9.45 4.09 -13.70
CA PRO A 10 10.80 4.17 -13.14
C PRO A 10 11.60 5.30 -13.77
N GLU A 11 11.44 5.53 -15.08
CA GLU A 11 12.24 6.59 -15.72
C GLU A 11 11.84 8.00 -15.29
N LYS A 12 10.70 8.09 -14.61
CA LYS A 12 10.24 9.38 -14.13
C LYS A 12 10.54 9.60 -12.66
N LEU A 13 11.04 8.57 -11.98
CA LEU A 13 11.28 8.66 -10.54
C LEU A 13 12.15 9.82 -10.10
N ASN A 14 13.32 10.00 -10.70
CA ASN A 14 14.16 11.11 -10.26
C ASN A 14 13.50 12.47 -10.41
N GLU A 15 12.80 12.71 -11.52
CA GLU A 15 12.11 14.00 -11.73
C GLU A 15 11.03 14.17 -10.67
N VAL A 16 10.37 13.07 -10.33
CA VAL A 16 9.33 13.14 -9.32
C VAL A 16 9.89 13.47 -7.94
N LEU A 17 10.97 12.77 -7.55
CA LEU A 17 11.58 13.04 -6.24
C LEU A 17 12.09 14.47 -6.14
N LYS A 18 12.69 14.98 -7.22
CA LYS A 18 13.19 16.35 -7.19
C LYS A 18 12.05 17.34 -7.04
N ALA A 19 10.95 17.08 -7.75
CA ALA A 19 9.78 17.95 -7.67
C ALA A 19 9.18 17.92 -6.27
N LEU A 20 9.13 16.73 -5.66
CA LEU A 20 8.59 16.63 -4.31
C LEU A 20 9.44 17.38 -3.30
N PHE A 21 10.76 17.21 -3.36
CA PHE A 21 11.63 17.89 -2.42
C PHE A 21 11.49 19.41 -2.61
N GLN A 22 11.40 19.84 -3.86
CA GLN A 22 11.24 21.25 -4.17
C GLN A 22 9.95 21.76 -3.53
N ALA A 23 9.00 20.86 -3.27
CA ALA A 23 7.73 21.25 -2.66
C ALA A 23 7.68 21.06 -1.15
N GLU A 24 8.84 20.84 -0.53
CA GLU A 24 8.95 20.63 0.93
C GLU A 24 8.39 19.30 1.42
N VAL A 25 8.24 18.34 0.51
CA VAL A 25 7.73 17.02 0.84
C VAL A 25 8.93 16.09 0.91
N ARG A 26 9.55 15.99 2.09
CA ARG A 26 10.76 15.19 2.32
C ARG A 26 10.58 13.71 2.67
N GLY A 27 9.91 13.46 3.80
CA GLY A 27 9.71 12.10 4.27
C GLY A 27 8.78 11.23 3.45
N LEU A 28 9.31 10.13 2.94
CA LEU A 28 8.52 9.21 2.11
C LEU A 28 9.24 7.86 1.97
N THR A 29 8.52 6.87 1.43
CA THR A 29 9.17 5.59 1.18
C THR A 29 8.75 5.11 -0.19
N LEU A 30 9.59 4.29 -0.80
CA LEU A 30 9.23 3.78 -2.10
C LEU A 30 9.72 2.35 -2.33
N SER A 31 9.13 1.71 -3.32
CA SER A 31 9.50 0.37 -3.68
C SER A 31 9.06 0.06 -5.08
N ARG A 32 9.68 -0.97 -5.63
CA ARG A 32 9.35 -1.41 -6.97
C ARG A 32 8.19 -2.40 -6.95
N VAL A 33 7.27 -2.23 -7.88
CA VAL A 33 6.13 -3.14 -7.97
C VAL A 33 5.92 -3.45 -9.45
N GLN A 34 5.07 -4.42 -9.74
CA GLN A 34 4.77 -4.72 -11.14
C GLN A 34 3.35 -4.20 -11.32
N GLY A 35 3.07 -3.55 -12.43
CA GLY A 35 1.70 -3.06 -12.54
C GLY A 35 1.17 -2.99 -13.95
N HIS A 36 -0.12 -2.67 -14.02
CA HIS A 36 -0.79 -2.56 -15.29
C HIS A 36 -1.74 -1.39 -15.06
N GLY A 37 -1.56 -0.34 -15.84
CA GLY A 37 -2.39 0.82 -15.67
C GLY A 37 -3.18 1.11 -16.92
N GLY A 38 -4.04 2.11 -16.81
CA GLY A 38 -4.86 2.44 -17.93
C GLY A 38 -5.95 1.39 -17.87
N GLU A 39 -6.89 1.52 -18.77
CA GLU A 39 -8.02 0.61 -18.81
C GLU A 39 -7.94 -0.10 -20.15
N THR A 40 -6.72 -0.55 -20.48
CA THR A 40 -6.47 -1.29 -21.72
C THR A 40 -6.01 -2.71 -21.40
N GLU A 41 -6.37 -3.68 -22.25
CA GLU A 41 -5.95 -5.08 -22.07
C GLU A 41 -5.81 -5.64 -23.47
N ARG A 42 -4.92 -6.61 -23.64
CA ARG A 42 -4.79 -7.24 -24.95
C ARG A 42 -5.91 -8.27 -25.05
N VAL A 43 -6.32 -8.58 -26.27
CA VAL A 43 -7.37 -9.57 -26.43
C VAL A 43 -7.01 -10.92 -25.77
N GLU A 44 -5.77 -11.35 -25.95
CA GLU A 44 -5.36 -12.63 -25.38
C GLU A 44 -5.44 -12.61 -23.85
N THR A 45 -5.20 -11.45 -23.26
CA THR A 45 -5.25 -11.31 -21.80
C THR A 45 -6.69 -11.46 -21.29
N TYR A 46 -7.61 -10.74 -21.93
CA TYR A 46 -9.01 -10.82 -21.54
C TYR A 46 -9.53 -12.25 -21.74
N ARG A 47 -8.95 -12.98 -22.68
CA ARG A 47 -9.36 -14.35 -22.93
C ARG A 47 -8.82 -15.25 -21.83
N GLY A 48 -8.01 -14.67 -20.94
CA GLY A 48 -7.44 -15.40 -19.82
C GLY A 48 -6.39 -16.43 -20.19
N THR A 49 -6.12 -16.57 -21.48
CA THR A 49 -5.13 -17.53 -21.94
C THR A 49 -3.71 -17.00 -21.75
N THR A 50 -3.59 -15.69 -21.57
CA THR A 50 -2.28 -15.08 -21.41
C THR A 50 -2.24 -13.85 -20.52
N VAL A 51 -1.07 -13.61 -19.92
CA VAL A 51 -0.83 -12.46 -19.05
C VAL A 51 0.66 -12.14 -19.17
N LYS A 52 1.14 -12.00 -20.40
CA LYS A 52 2.53 -11.70 -20.67
C LYS A 52 2.84 -10.21 -20.54
N MET A 53 2.98 -9.54 -21.68
CA MET A 53 3.28 -8.11 -21.68
C MET A 53 2.17 -7.26 -21.09
N GLU A 54 1.56 -7.73 -20.00
CA GLU A 54 0.53 -6.93 -19.36
C GLU A 54 1.09 -6.26 -18.13
N LEU A 55 2.08 -6.86 -17.47
CA LEU A 55 2.63 -6.20 -16.29
C LEU A 55 4.00 -5.57 -16.58
N HIS A 56 4.25 -4.40 -16.00
CA HIS A 56 5.48 -3.66 -16.22
C HIS A 56 6.02 -3.12 -14.89
N GLU A 57 7.33 -2.95 -14.76
CA GLU A 57 7.82 -2.43 -13.50
C GLU A 57 7.43 -0.95 -13.32
N LYS A 58 7.02 -0.63 -12.09
CA LYS A 58 6.63 0.74 -11.71
C LYS A 58 7.27 1.00 -10.36
N VAL A 59 7.20 2.26 -9.92
CA VAL A 59 7.71 2.61 -8.60
C VAL A 59 6.49 3.09 -7.80
N ARG A 60 6.34 2.56 -6.61
CA ARG A 60 5.24 2.93 -5.73
C ARG A 60 5.79 3.82 -4.63
N LEU A 61 5.30 5.06 -4.54
CA LEU A 61 5.72 6.00 -3.52
C LEU A 61 4.59 6.13 -2.50
N GLU A 62 4.95 6.18 -1.22
CA GLU A 62 3.98 6.30 -0.11
C GLU A 62 4.46 7.52 0.69
N ILE A 63 3.60 8.54 0.79
CA ILE A 63 4.00 9.80 1.43
C ILE A 63 2.93 10.27 2.40
N GLY A 64 3.28 10.45 3.67
CA GLY A 64 2.32 10.96 4.64
C GLY A 64 2.41 12.48 4.63
N VAL A 65 1.28 13.17 4.46
CA VAL A 65 1.32 14.64 4.41
C VAL A 65 0.23 15.28 5.23
N SER A 66 0.46 16.51 5.68
CA SER A 66 -0.58 17.23 6.42
C SER A 66 -1.55 17.81 5.38
N GLU A 67 -2.75 18.21 5.81
CA GLU A 67 -3.75 18.73 4.89
C GLU A 67 -3.27 19.81 3.94
N PRO A 68 -2.53 20.81 4.45
CA PRO A 68 -2.05 21.89 3.57
C PRO A 68 -1.16 21.41 2.44
N PHE A 69 -0.47 20.29 2.65
CA PHE A 69 0.45 19.78 1.64
C PHE A 69 -0.11 18.76 0.67
N VAL A 70 -1.38 18.42 0.79
CA VAL A 70 -1.94 17.46 -0.14
C VAL A 70 -1.93 18.02 -1.56
N LYS A 71 -2.47 19.23 -1.75
CA LYS A 71 -2.51 19.77 -3.09
C LYS A 71 -1.13 19.92 -3.73
N PRO A 72 -0.16 20.55 -3.03
CA PRO A 72 1.18 20.71 -3.61
C PRO A 72 1.84 19.37 -3.93
N THR A 73 1.60 18.35 -3.11
CA THR A 73 2.23 17.06 -3.36
C THR A 73 1.63 16.42 -4.61
N VAL A 74 0.30 16.41 -4.71
CA VAL A 74 -0.34 15.86 -5.90
C VAL A 74 0.14 16.63 -7.14
N GLU A 75 0.13 17.96 -7.08
CA GLU A 75 0.54 18.74 -8.25
C GLU A 75 1.98 18.44 -8.67
N ALA A 76 2.88 18.29 -7.72
CA ALA A 76 4.27 18.00 -8.05
C ALA A 76 4.40 16.67 -8.78
N ILE A 77 3.69 15.64 -8.30
CA ILE A 77 3.74 14.35 -8.95
C ILE A 77 3.07 14.40 -10.33
N LEU A 78 1.91 15.03 -10.42
CA LEU A 78 1.24 15.10 -11.71
C LEU A 78 2.09 15.79 -12.77
N LYS A 79 2.78 16.86 -12.39
CA LYS A 79 3.58 17.57 -13.38
C LYS A 79 4.79 16.78 -13.81
N ALA A 80 5.49 16.20 -12.84
CA ALA A 80 6.70 15.48 -13.12
C ALA A 80 6.59 14.11 -13.73
N ALA A 81 5.54 13.37 -13.40
CA ALA A 81 5.39 11.97 -13.83
C ALA A 81 4.69 11.70 -15.15
N ARG A 82 4.00 12.70 -15.67
CA ARG A 82 3.26 12.53 -16.91
C ARG A 82 4.15 12.41 -18.14
N THR A 83 3.79 11.50 -19.05
CA THR A 83 4.49 11.37 -20.33
C THR A 83 3.38 11.51 -21.38
N GLY A 84 2.15 11.25 -20.97
CA GLY A 84 1.00 11.35 -21.86
C GLY A 84 0.60 10.02 -22.47
N GLU A 85 1.41 8.98 -22.22
CA GLU A 85 1.15 7.63 -22.75
C GLU A 85 0.54 6.73 -21.69
N VAL A 86 -0.19 5.71 -22.15
CA VAL A 86 -0.83 4.76 -21.24
C VAL A 86 0.26 4.12 -20.39
N GLY A 87 0.00 4.02 -19.09
CA GLY A 87 0.98 3.45 -18.19
C GLY A 87 1.66 4.47 -17.29
N ASP A 88 1.21 5.71 -17.38
CA ASP A 88 1.77 6.77 -16.56
C ASP A 88 1.54 6.60 -15.07
N GLY A 89 0.52 5.86 -14.68
CA GLY A 89 0.30 5.71 -13.25
C GLY A 89 -0.91 6.42 -12.67
N LYS A 90 -0.96 6.46 -11.35
CA LYS A 90 -2.12 6.99 -10.65
C LYS A 90 -1.67 7.50 -9.31
N ILE A 91 -2.51 8.32 -8.68
CA ILE A 91 -2.22 8.85 -7.35
C ILE A 91 -3.46 8.65 -6.50
N PHE A 92 -3.30 7.94 -5.39
CA PHE A 92 -4.41 7.75 -4.46
C PHE A 92 -4.15 8.61 -3.23
N VAL A 93 -5.18 9.36 -2.81
CA VAL A 93 -5.09 10.17 -1.60
C VAL A 93 -5.99 9.44 -0.58
N LEU A 94 -5.37 8.82 0.40
CA LEU A 94 -6.10 8.03 1.38
C LEU A 94 -6.30 8.72 2.71
N PRO A 95 -7.49 8.57 3.30
CA PRO A 95 -7.75 9.17 4.60
C PRO A 95 -6.91 8.43 5.64
N VAL A 96 -6.50 9.16 6.67
CA VAL A 96 -5.67 8.63 7.74
C VAL A 96 -6.33 9.01 9.05
N GLU A 97 -6.51 8.04 9.91
CA GLU A 97 -7.15 8.30 11.21
C GLU A 97 -6.13 8.89 12.19
N LYS A 98 -4.94 8.31 12.23
CA LYS A 98 -3.88 8.79 13.14
C LYS A 98 -2.52 8.53 12.55
N VAL A 99 -1.56 9.37 12.90
CA VAL A 99 -0.17 9.17 12.49
C VAL A 99 0.69 9.39 13.71
N TYR A 100 1.77 8.60 13.85
CA TYR A 100 2.69 8.77 14.96
C TYR A 100 4.12 8.78 14.46
N ARG A 101 4.94 9.71 14.96
CA ARG A 101 6.37 9.71 14.57
C ARG A 101 7.00 8.89 15.71
N ILE A 102 7.70 7.82 15.36
CA ILE A 102 8.26 6.94 16.37
C ILE A 102 9.26 7.60 17.32
N ARG A 103 10.20 8.36 16.77
CA ARG A 103 11.22 8.98 17.62
C ARG A 103 10.68 9.91 18.69
N THR A 104 9.76 10.79 18.31
CA THR A 104 9.25 11.82 19.22
C THR A 104 7.89 11.58 19.87
N GLY A 105 7.15 10.62 19.33
CA GLY A 105 5.81 10.36 19.85
C GLY A 105 4.84 11.41 19.35
N GLU A 106 5.31 12.33 18.50
CA GLU A 106 4.45 13.39 17.94
C GLU A 106 3.31 12.72 17.15
N GLU A 107 2.13 13.33 17.17
CA GLU A 107 0.99 12.76 16.46
C GLU A 107 0.35 13.65 15.42
N ASP A 108 -0.35 12.99 14.51
CA ASP A 108 -1.12 13.65 13.46
C ASP A 108 -0.43 14.78 12.72
N GLU A 109 -1.03 15.98 12.69
CA GLU A 109 -0.38 17.06 11.95
C GLU A 109 1.11 17.21 12.28
N ALA A 110 1.43 17.17 13.58
CA ALA A 110 2.80 17.34 14.04
C ALA A 110 3.74 16.23 13.56
N ALA A 111 3.17 15.07 13.26
CA ALA A 111 3.96 13.94 12.84
C ALA A 111 4.32 13.98 11.36
N VAL A 112 3.54 14.66 10.53
CA VAL A 112 3.83 14.73 9.10
C VAL A 112 4.17 16.12 8.61
N THR A 113 4.32 17.06 9.54
CA THR A 113 4.65 18.42 9.17
C THR A 113 6.12 18.55 8.79
N PRO A 114 6.40 19.27 7.69
CA PRO A 114 7.75 19.48 7.18
C PRO A 114 8.74 19.84 8.28
N VAL A 115 9.79 19.04 8.40
CA VAL A 115 10.83 19.27 9.39
C VAL A 115 11.71 20.43 8.88
N GLN A 116 11.23 21.08 7.83
CA GLN A 116 11.93 22.21 7.22
C GLN A 116 11.17 22.72 6.00
N MET B 1 -14.03 6.09 -5.38
CA MET B 1 -13.30 4.78 -5.61
C MET B 1 -12.87 4.15 -4.29
N LYS B 2 -12.57 2.85 -4.32
CA LYS B 2 -12.09 2.17 -3.15
C LYS B 2 -10.77 1.56 -3.57
N LEU B 3 -9.92 1.30 -2.60
CA LEU B 3 -8.64 0.65 -2.87
C LEU B 3 -8.75 -0.74 -2.24
N ILE B 4 -8.66 -1.77 -3.08
CA ILE B 4 -8.71 -3.15 -2.58
C ILE B 4 -7.26 -3.59 -2.42
N VAL B 5 -6.94 -4.11 -1.24
CA VAL B 5 -5.57 -4.61 -0.98
C VAL B 5 -5.74 -6.08 -0.67
N ALA B 6 -5.21 -6.96 -1.52
CA ALA B 6 -5.41 -8.40 -1.29
C ALA B 6 -4.06 -9.03 -1.07
N ILE B 7 -4.00 -9.91 -0.07
CA ILE B 7 -2.76 -10.63 0.23
C ILE B 7 -3.14 -12.08 -0.09
N VAL B 8 -2.43 -12.70 -1.07
CA VAL B 8 -2.79 -14.04 -1.52
C VAL B 8 -1.59 -14.93 -1.61
N ARG B 9 -1.83 -16.24 -1.68
CA ARG B 9 -0.69 -17.15 -1.82
C ARG B 9 -0.06 -17.03 -3.18
N PRO B 10 1.27 -17.15 -3.24
CA PRO B 10 1.90 -17.04 -4.55
C PRO B 10 1.37 -18.05 -5.57
N GLU B 11 1.04 -19.24 -5.10
CA GLU B 11 0.59 -20.28 -6.01
C GLU B 11 -0.82 -20.00 -6.54
N LYS B 12 -1.45 -18.95 -6.01
CA LYS B 12 -2.79 -18.61 -6.50
C LYS B 12 -2.76 -17.35 -7.35
N LEU B 13 -1.59 -16.72 -7.49
CA LEU B 13 -1.52 -15.46 -8.23
C LEU B 13 -2.00 -15.50 -9.67
N ASN B 14 -1.55 -16.50 -10.45
CA ASN B 14 -2.00 -16.56 -11.84
C ASN B 14 -3.53 -16.59 -11.93
N GLU B 15 -4.16 -17.39 -11.09
CA GLU B 15 -5.62 -17.50 -11.08
C GLU B 15 -6.26 -16.16 -10.71
N VAL B 16 -5.69 -15.50 -9.71
CA VAL B 16 -6.23 -14.19 -9.27
C VAL B 16 -6.07 -13.12 -10.36
N LEU B 17 -4.90 -13.08 -10.99
CA LEU B 17 -4.68 -12.09 -12.06
C LEU B 17 -5.65 -12.32 -13.21
N LYS B 18 -5.86 -13.59 -13.55
CA LYS B 18 -6.79 -13.93 -14.62
C LYS B 18 -8.17 -13.38 -14.24
N ALA B 19 -8.58 -13.64 -12.99
CA ALA B 19 -9.89 -13.16 -12.54
C ALA B 19 -9.98 -11.63 -12.59
N LEU B 20 -8.91 -10.94 -12.25
CA LEU B 20 -8.92 -9.48 -12.26
C LEU B 20 -8.99 -8.90 -13.67
N PHE B 21 -8.20 -9.44 -14.58
CA PHE B 21 -8.24 -8.93 -15.96
C PHE B 21 -9.59 -9.25 -16.61
N GLN B 22 -10.16 -10.39 -16.28
CA GLN B 22 -11.47 -10.75 -16.86
C GLN B 22 -12.59 -9.94 -16.20
N ALA B 23 -12.40 -9.57 -14.93
CA ALA B 23 -13.40 -8.76 -14.24
C ALA B 23 -13.37 -7.35 -14.84
N GLU B 24 -12.14 -6.85 -15.07
CA GLU B 24 -11.82 -5.53 -15.60
C GLU B 24 -11.68 -4.56 -14.45
N VAL B 25 -10.44 -4.14 -14.17
CA VAL B 25 -10.23 -3.16 -13.11
C VAL B 25 -9.48 -2.02 -13.76
N ARG B 26 -9.54 -0.85 -13.14
CA ARG B 26 -8.89 0.31 -13.74
C ARG B 26 -7.44 0.46 -13.33
N GLY B 27 -6.78 -0.69 -13.22
CA GLY B 27 -5.38 -0.68 -12.88
C GLY B 27 -5.07 -1.50 -11.65
N LEU B 28 -3.87 -2.05 -11.63
CA LEU B 28 -3.47 -2.78 -10.45
C LEU B 28 -1.97 -2.81 -10.37
N THR B 29 -1.48 -3.03 -9.17
CA THR B 29 -0.04 -3.21 -8.98
C THR B 29 0.12 -4.39 -8.03
N LEU B 30 1.29 -5.01 -8.04
CA LEU B 30 1.44 -6.11 -7.12
C LEU B 30 2.90 -6.28 -6.81
N SER B 31 3.17 -6.98 -5.73
CA SER B 31 4.54 -7.24 -5.36
C SER B 31 4.61 -8.37 -4.37
N ARG B 32 5.81 -8.93 -4.26
CA ARG B 32 6.01 -9.99 -3.30
C ARG B 32 6.30 -9.39 -1.91
N VAL B 33 5.66 -9.99 -0.91
CA VAL B 33 5.89 -9.54 0.47
C VAL B 33 6.07 -10.77 1.35
N GLN B 34 6.35 -10.51 2.62
CA GLN B 34 6.53 -11.60 3.58
C GLN B 34 5.39 -11.59 4.58
N GLY B 35 4.79 -12.75 4.80
CA GLY B 35 3.70 -12.84 5.75
C GLY B 35 4.16 -13.45 7.05
N HIS B 36 3.38 -13.24 8.10
CA HIS B 36 3.73 -13.78 9.40
C HIS B 36 2.44 -14.14 10.13
N GLY B 37 2.56 -14.94 11.17
CA GLY B 37 1.39 -15.37 11.93
C GLY B 37 0.25 -15.80 11.03
N MET B 53 11.42 -14.50 13.61
CA MET B 53 10.73 -15.78 13.47
C MET B 53 10.88 -16.31 12.05
N GLU B 54 9.78 -16.82 11.50
CA GLU B 54 9.76 -17.37 10.15
C GLU B 54 8.77 -16.59 9.28
N LEU B 55 9.20 -16.15 8.10
CA LEU B 55 8.32 -15.39 7.21
C LEU B 55 7.87 -16.29 6.08
N HIS B 56 6.63 -16.09 5.58
CA HIS B 56 6.09 -16.92 4.49
C HIS B 56 5.72 -16.02 3.32
N GLU B 57 6.19 -16.37 2.13
CA GLU B 57 5.92 -15.54 0.94
C GLU B 57 4.44 -15.37 0.63
N LYS B 58 4.06 -14.13 0.30
CA LYS B 58 2.68 -13.85 -0.09
C LYS B 58 2.80 -12.83 -1.22
N VAL B 59 1.70 -12.60 -1.94
CA VAL B 59 1.75 -11.57 -2.97
C VAL B 59 0.68 -10.56 -2.57
N ARG B 60 1.05 -9.27 -2.55
CA ARG B 60 0.12 -8.19 -2.21
C ARG B 60 -0.32 -7.52 -3.51
N LEU B 61 -1.63 -7.43 -3.73
CA LEU B 61 -2.10 -6.75 -4.95
C LEU B 61 -2.87 -5.53 -4.46
N GLU B 62 -2.76 -4.42 -5.20
CA GLU B 62 -3.46 -3.17 -4.83
C GLU B 62 -4.28 -2.81 -6.06
N ILE B 63 -5.60 -2.71 -5.90
CA ILE B 63 -6.48 -2.46 -7.04
C ILE B 63 -7.46 -1.35 -6.77
N GLY B 64 -7.52 -0.37 -7.68
CA GLY B 64 -8.46 0.72 -7.48
C GLY B 64 -9.73 0.26 -8.18
N VAL B 65 -10.86 0.35 -7.49
CA VAL B 65 -12.13 -0.08 -8.09
C VAL B 65 -13.25 0.83 -7.63
N SER B 66 -14.12 1.20 -8.56
CA SER B 66 -15.21 2.10 -8.19
C SER B 66 -16.37 1.34 -7.64
N GLU B 67 -17.02 2.02 -6.70
CA GLU B 67 -18.09 1.54 -5.89
C GLU B 67 -19.01 0.48 -6.44
N PRO B 68 -19.59 0.72 -7.62
CA PRO B 68 -20.51 -0.29 -8.17
C PRO B 68 -19.89 -1.70 -8.33
N PHE B 69 -18.59 -1.74 -8.58
CA PHE B 69 -17.92 -2.98 -8.85
C PHE B 69 -17.01 -3.53 -7.78
N VAL B 70 -17.02 -2.93 -6.60
CA VAL B 70 -16.14 -3.45 -5.53
C VAL B 70 -16.56 -4.86 -5.09
N LYS B 71 -17.84 -5.03 -4.77
CA LYS B 71 -18.29 -6.34 -4.33
C LYS B 71 -18.02 -7.48 -5.32
N PRO B 72 -18.36 -7.28 -6.61
CA PRO B 72 -18.08 -8.40 -7.52
C PRO B 72 -16.58 -8.65 -7.76
N THR B 73 -15.78 -7.60 -7.69
CA THR B 73 -14.33 -7.74 -7.90
C THR B 73 -13.78 -8.49 -6.68
N VAL B 74 -14.25 -8.14 -5.48
CA VAL B 74 -13.78 -8.86 -4.27
C VAL B 74 -14.17 -10.33 -4.38
N GLU B 75 -15.39 -10.58 -4.86
CA GLU B 75 -15.84 -11.96 -5.01
C GLU B 75 -14.98 -12.74 -6.00
N ALA B 76 -14.56 -12.10 -7.08
CA ALA B 76 -13.71 -12.74 -8.06
C ALA B 76 -12.38 -13.12 -7.45
N ILE B 77 -11.82 -12.21 -6.64
CA ILE B 77 -10.53 -12.50 -6.00
C ILE B 77 -10.70 -13.65 -5.00
N LEU B 78 -11.75 -13.58 -4.20
CA LEU B 78 -12.02 -14.64 -3.21
C LEU B 78 -12.11 -15.99 -3.85
N LYS B 79 -12.90 -16.08 -4.92
CA LYS B 79 -13.02 -17.39 -5.55
C LYS B 79 -11.71 -17.93 -6.12
N ALA B 80 -10.87 -17.05 -6.65
CA ALA B 80 -9.62 -17.47 -7.25
C ALA B 80 -8.56 -17.82 -6.22
N ALA B 81 -8.60 -17.11 -5.11
CA ALA B 81 -7.52 -17.27 -4.12
C ALA B 81 -7.73 -18.25 -2.99
N ARG B 82 -8.96 -18.69 -2.82
CA ARG B 82 -9.31 -19.53 -1.69
C ARG B 82 -8.92 -20.99 -1.81
N THR B 83 -8.42 -21.54 -0.70
CA THR B 83 -8.08 -22.97 -0.65
C THR B 83 -8.86 -23.64 0.48
N GLY B 84 -9.28 -22.84 1.46
CA GLY B 84 -10.01 -23.38 2.59
C GLY B 84 -9.09 -23.68 3.75
N GLU B 85 -7.79 -23.46 3.56
CA GLU B 85 -6.81 -23.74 4.60
C GLU B 85 -6.29 -22.45 5.19
N VAL B 86 -5.86 -22.51 6.45
CA VAL B 86 -5.31 -21.34 7.13
C VAL B 86 -4.12 -20.87 6.34
N GLY B 87 -4.01 -19.55 6.18
CA GLY B 87 -2.92 -18.98 5.41
C GLY B 87 -3.32 -18.45 4.04
N ASP B 88 -4.61 -18.47 3.75
CA ASP B 88 -5.10 -18.02 2.44
C ASP B 88 -4.97 -16.53 2.24
N GLY B 89 -4.88 -15.78 3.33
CA GLY B 89 -4.78 -14.34 3.14
C GLY B 89 -6.01 -13.55 3.50
N LYS B 90 -5.98 -12.27 3.15
CA LYS B 90 -7.09 -11.39 3.50
C LYS B 90 -7.28 -10.39 2.38
N ILE B 91 -8.44 -9.75 2.38
CA ILE B 91 -8.70 -8.70 1.41
C ILE B 91 -9.22 -7.49 2.21
N PHE B 92 -8.56 -6.36 2.04
CA PHE B 92 -8.98 -5.14 2.71
C PHE B 92 -9.58 -4.19 1.69
N VAL B 93 -10.70 -3.55 2.03
CA VAL B 93 -11.31 -2.56 1.15
C VAL B 93 -11.15 -1.23 1.89
N LEU B 94 -10.37 -0.32 1.31
CA LEU B 94 -10.08 0.95 1.96
C LEU B 94 -10.77 2.10 1.26
N PRO B 95 -11.20 3.10 2.04
CA PRO B 95 -11.83 4.25 1.40
C PRO B 95 -10.70 5.10 0.78
N VAL B 96 -11.05 5.84 -0.26
CA VAL B 96 -10.09 6.69 -0.94
C VAL B 96 -10.72 8.07 -1.04
N GLU B 97 -10.03 9.10 -0.57
CA GLU B 97 -10.56 10.47 -0.63
C GLU B 97 -10.58 10.97 -2.09
N LYS B 98 -9.46 10.80 -2.78
CA LYS B 98 -9.34 11.24 -4.15
C LYS B 98 -8.37 10.36 -4.91
N VAL B 99 -8.61 10.24 -6.19
CA VAL B 99 -7.73 9.50 -7.07
C VAL B 99 -7.48 10.33 -8.35
N TYR B 100 -6.21 10.40 -8.77
CA TYR B 100 -5.82 11.13 -9.97
C TYR B 100 -5.17 10.21 -10.98
N ARG B 101 -5.51 10.41 -12.25
CA ARG B 101 -4.90 9.65 -13.31
C ARG B 101 -3.71 10.49 -13.79
N ILE B 102 -2.50 9.96 -13.73
CA ILE B 102 -1.36 10.78 -14.11
C ILE B 102 -1.30 11.16 -15.58
N ARG B 103 -1.79 10.28 -16.44
CA ARG B 103 -1.74 10.51 -17.87
C ARG B 103 -2.44 11.81 -18.26
N THR B 104 -3.58 12.07 -17.61
CA THR B 104 -4.39 13.25 -17.91
C THR B 104 -4.42 14.33 -16.84
N GLY B 105 -3.97 13.96 -15.63
CA GLY B 105 -3.97 14.87 -14.49
C GLY B 105 -5.33 14.94 -13.79
N GLU B 106 -6.33 14.26 -14.34
CA GLU B 106 -7.67 14.37 -13.80
C GLU B 106 -8.01 13.60 -12.54
N GLU B 107 -8.83 14.24 -11.70
CA GLU B 107 -9.29 13.58 -10.49
C GLU B 107 -10.55 12.74 -10.83
N ASP B 108 -10.58 11.51 -10.28
CA ASP B 108 -11.69 10.52 -10.35
C ASP B 108 -11.55 9.16 -11.04
N MET C 1 -12.55 -2.28 12.03
CA MET C 1 -11.16 -2.77 11.79
C MET C 1 -10.37 -1.57 11.27
N LYS C 2 -9.06 -1.61 11.45
CA LYS C 2 -8.20 -0.53 10.96
C LYS C 2 -7.00 -1.20 10.33
N LEU C 3 -6.30 -0.47 9.46
CA LEU C 3 -5.11 -1.04 8.81
C LEU C 3 -3.94 -0.21 9.29
N ILE C 4 -2.98 -0.83 9.98
CA ILE C 4 -1.82 -0.10 10.48
C ILE C 4 -0.66 -0.30 9.50
N VAL C 5 -0.06 0.80 9.06
CA VAL C 5 1.11 0.76 8.16
C VAL C 5 2.24 1.42 8.94
N ALA C 6 3.32 0.68 9.18
CA ALA C 6 4.42 1.24 9.96
C ALA C 6 5.73 1.12 9.19
N ILE C 7 6.57 2.14 9.31
CA ILE C 7 7.87 2.10 8.66
C ILE C 7 8.89 2.04 9.80
N VAL C 8 9.73 1.02 9.84
CA VAL C 8 10.72 0.90 10.92
C VAL C 8 12.10 0.58 10.38
N ARG C 9 13.14 0.72 11.21
CA ARG C 9 14.50 0.38 10.76
C ARG C 9 14.66 -1.15 10.71
N PRO C 10 15.39 -1.66 9.69
CA PRO C 10 15.60 -3.10 9.54
C PRO C 10 16.23 -3.67 10.82
N GLU C 11 17.15 -2.91 11.41
CA GLU C 11 17.85 -3.35 12.63
C GLU C 11 16.91 -3.53 13.81
N LYS C 12 15.73 -2.92 13.74
CA LYS C 12 14.77 -3.06 14.83
C LYS C 12 13.64 -4.03 14.49
N LEU C 13 13.65 -4.61 13.29
CA LEU C 13 12.53 -5.48 12.92
C LEU C 13 12.29 -6.69 13.83
N ASN C 14 13.34 -7.41 14.20
CA ASN C 14 13.16 -8.56 15.08
C ASN C 14 12.46 -8.16 16.37
N GLU C 15 12.93 -7.07 16.96
CA GLU C 15 12.37 -6.58 18.21
C GLU C 15 10.91 -6.17 18.03
N VAL C 16 10.60 -5.55 16.91
CA VAL C 16 9.21 -5.13 16.67
C VAL C 16 8.29 -6.36 16.54
N LEU C 17 8.75 -7.37 15.80
CA LEU C 17 7.93 -8.55 15.59
C LEU C 17 7.73 -9.27 16.93
N LYS C 18 8.78 -9.33 17.75
CA LYS C 18 8.66 -9.96 19.06
C LYS C 18 7.63 -9.22 19.91
N ALA C 19 7.64 -7.89 19.87
CA ALA C 19 6.68 -7.12 20.65
C ALA C 19 5.24 -7.32 20.15
N LEU C 20 5.05 -7.35 18.84
CA LEU C 20 3.72 -7.54 18.28
C LEU C 20 3.19 -8.91 18.72
N PHE C 21 4.03 -9.94 18.64
CA PHE C 21 3.58 -11.26 19.04
C PHE C 21 3.23 -11.31 20.53
N GLN C 22 4.02 -10.63 21.37
CA GLN C 22 3.76 -10.61 22.80
C GLN C 22 2.46 -9.87 23.05
N ALA C 23 2.06 -9.07 22.07
CA ALA C 23 0.83 -8.30 22.21
C ALA C 23 -0.39 -9.01 21.60
N GLU C 24 -0.17 -10.25 21.15
CA GLU C 24 -1.23 -11.09 20.56
C GLU C 24 -1.60 -10.67 19.15
N VAL C 25 -0.72 -9.92 18.51
CA VAL C 25 -0.95 -9.48 17.15
C VAL C 25 -0.12 -10.40 16.28
N ARG C 26 -0.78 -11.31 15.60
CA ARG C 26 -0.06 -12.28 14.78
C ARG C 26 -0.04 -12.15 13.25
N GLY C 27 -1.18 -11.92 12.63
CA GLY C 27 -1.22 -11.85 11.16
C GLY C 27 -0.82 -10.49 10.59
N LEU C 28 0.20 -10.47 9.75
CA LEU C 28 0.66 -9.21 9.16
C LEU C 28 1.54 -9.54 7.96
N THR C 29 1.87 -8.51 7.18
CA THR C 29 2.82 -8.71 6.06
C THR C 29 3.85 -7.59 6.18
N LEU C 30 5.01 -7.79 5.56
CA LEU C 30 6.02 -6.77 5.61
C LEU C 30 6.87 -6.88 4.36
N SER C 31 7.59 -5.82 4.06
CA SER C 31 8.49 -5.82 2.93
C SER C 31 9.51 -4.72 3.09
N ARG C 32 10.63 -4.89 2.40
CA ARG C 32 11.66 -3.88 2.41
C ARG C 32 11.30 -2.75 1.44
N VAL C 33 11.54 -1.51 1.87
CA VAL C 33 11.28 -0.33 1.06
C VAL C 33 12.46 0.63 1.23
N GLN C 34 12.57 1.63 0.36
CA GLN C 34 13.65 2.61 0.47
C GLN C 34 13.02 3.87 1.04
N GLY C 35 13.63 4.45 2.07
CA GLY C 35 13.01 5.61 2.67
C GLY C 35 13.80 6.90 2.63
N HIS C 36 13.06 8.00 2.73
CA HIS C 36 13.56 9.38 2.73
C HIS C 36 14.40 9.74 1.51
N GLU C 54 19.59 11.32 0.35
CA GLU C 54 19.81 9.88 0.28
C GLU C 54 18.56 9.10 0.67
N LEU C 55 18.55 7.82 0.33
CA LEU C 55 17.46 6.92 0.66
C LEU C 55 18.10 5.81 1.50
N HIS C 56 17.44 5.42 2.59
CA HIS C 56 17.95 4.38 3.48
C HIS C 56 16.93 3.23 3.53
N GLU C 57 17.42 2.01 3.64
CA GLU C 57 16.51 0.86 3.68
C GLU C 57 15.66 0.83 4.96
N LYS C 58 14.36 0.60 4.78
CA LYS C 58 13.41 0.51 5.88
C LYS C 58 12.56 -0.72 5.66
N VAL C 59 11.78 -1.07 6.68
CA VAL C 59 10.86 -2.19 6.57
C VAL C 59 9.46 -1.62 6.79
N ARG C 60 8.57 -1.94 5.86
CA ARG C 60 7.17 -1.51 5.94
C ARG C 60 6.31 -2.67 6.42
N LEU C 61 5.60 -2.50 7.53
CA LEU C 61 4.73 -3.54 8.03
C LEU C 61 3.29 -3.07 7.79
N GLU C 62 2.41 -4.03 7.48
CA GLU C 62 1.01 -3.72 7.19
C GLU C 62 0.20 -4.71 8.04
N ILE C 63 -0.58 -4.18 8.97
CA ILE C 63 -1.28 -5.02 9.93
C ILE C 63 -2.76 -4.69 10.03
N GLY C 64 -3.64 -5.64 9.74
CA GLY C 64 -5.07 -5.35 9.87
C GLY C 64 -5.51 -5.77 11.27
N VAL C 65 -6.09 -4.85 12.05
CA VAL C 65 -6.47 -5.20 13.40
C VAL C 65 -7.89 -4.77 13.75
N SER C 66 -8.48 -5.47 14.72
CA SER C 66 -9.81 -5.08 15.17
C SER C 66 -9.59 -3.85 16.09
N GLU C 67 -10.66 -3.12 16.37
CA GLU C 67 -10.54 -1.89 17.15
C GLU C 67 -9.80 -1.97 18.50
N PRO C 68 -10.03 -3.04 19.29
CA PRO C 68 -9.35 -3.16 20.58
C PRO C 68 -7.85 -3.38 20.43
N PHE C 69 -7.41 -3.82 19.25
CA PHE C 69 -6.01 -4.06 19.06
C PHE C 69 -5.24 -2.93 18.40
N VAL C 70 -5.92 -1.85 18.05
CA VAL C 70 -5.21 -0.73 17.41
C VAL C 70 -4.16 -0.17 18.37
N LYS C 71 -4.60 0.22 19.56
CA LYS C 71 -3.67 0.81 20.52
C LYS C 71 -2.48 -0.07 20.90
N PRO C 72 -2.72 -1.34 21.29
CA PRO C 72 -1.65 -2.28 21.68
C PRO C 72 -0.65 -2.45 20.53
N THR C 73 -1.15 -2.49 19.30
CA THR C 73 -0.28 -2.63 18.11
C THR C 73 0.61 -1.41 17.94
N VAL C 74 -0.01 -0.23 17.98
CA VAL C 74 0.73 1.02 17.83
C VAL C 74 1.79 1.12 18.93
N GLU C 75 1.38 0.87 20.17
CA GLU C 75 2.32 0.97 21.28
C GLU C 75 3.46 -0.02 21.16
N ALA C 76 3.13 -1.25 20.74
CA ALA C 76 4.19 -2.26 20.59
C ALA C 76 5.27 -1.77 19.65
N ILE C 77 4.84 -1.16 18.54
CA ILE C 77 5.79 -0.64 17.58
C ILE C 77 6.53 0.60 18.05
N LEU C 78 5.83 1.54 18.67
CA LEU C 78 6.51 2.74 19.13
C LEU C 78 7.64 2.38 20.10
N LYS C 79 7.36 1.46 21.01
CA LYS C 79 8.35 1.11 22.03
C LYS C 79 9.52 0.28 21.53
N ALA C 80 9.23 -0.69 20.67
CA ALA C 80 10.28 -1.55 20.15
C ALA C 80 11.11 -0.93 19.03
N ALA C 81 10.50 -0.04 18.26
CA ALA C 81 11.21 0.55 17.12
C ALA C 81 12.08 1.77 17.39
N ARG C 82 11.84 2.45 18.52
CA ARG C 82 12.58 3.69 18.78
C ARG C 82 14.06 3.50 19.08
N THR C 83 14.90 4.35 18.49
CA THR C 83 16.33 4.31 18.78
C THR C 83 16.73 5.68 19.36
N GLY C 84 15.98 6.71 19.01
CA GLY C 84 16.31 8.05 19.47
C GLY C 84 16.96 8.89 18.38
N GLU C 85 17.40 8.24 17.31
CA GLU C 85 18.05 8.95 16.20
C GLU C 85 17.05 9.28 15.10
N VAL C 86 17.26 10.39 14.39
CA VAL C 86 16.36 10.77 13.30
C VAL C 86 16.26 9.62 12.30
N GLY C 87 15.04 9.33 11.85
CA GLY C 87 14.83 8.24 10.90
C GLY C 87 14.29 6.96 11.50
N ASP C 88 13.73 7.03 12.71
CA ASP C 88 13.18 5.85 13.40
C ASP C 88 11.88 5.38 12.70
N GLY C 89 11.24 6.26 11.96
CA GLY C 89 10.05 5.81 11.27
C GLY C 89 8.74 6.42 11.72
N LYS C 90 7.67 5.92 11.13
CA LYS C 90 6.34 6.45 11.40
C LYS C 90 5.31 5.33 11.40
N ILE C 91 4.15 5.64 11.98
CA ILE C 91 3.04 4.68 12.03
C ILE C 91 1.77 5.36 11.58
N PHE C 92 1.08 4.77 10.59
CA PHE C 92 -0.18 5.30 10.10
C PHE C 92 -1.32 4.35 10.45
N VAL C 93 -2.45 4.89 10.90
CA VAL C 93 -3.61 4.06 11.19
C VAL C 93 -4.65 4.47 10.16
N LEU C 94 -5.03 3.54 9.28
CA LEU C 94 -5.98 3.88 8.21
C LEU C 94 -7.33 3.20 8.43
N PRO C 95 -8.41 3.90 8.05
CA PRO C 95 -9.74 3.33 8.19
C PRO C 95 -9.87 2.23 7.14
N VAL C 96 -10.62 1.19 7.48
CA VAL C 96 -10.86 0.05 6.57
C VAL C 96 -12.37 -0.11 6.51
N GLU C 97 -12.95 -0.14 5.32
CA GLU C 97 -14.40 -0.30 5.22
C GLU C 97 -14.85 -1.75 5.47
N LYS C 98 -14.13 -2.70 4.89
CA LYS C 98 -14.50 -4.10 5.07
C LYS C 98 -13.22 -4.91 5.00
N VAL C 99 -13.21 -6.05 5.69
CA VAL C 99 -12.05 -6.93 5.63
C VAL C 99 -12.62 -8.33 5.43
N TYR C 100 -12.08 -9.07 4.47
CA TYR C 100 -12.55 -10.44 4.16
C TYR C 100 -11.45 -11.44 4.46
N ARG C 101 -11.82 -12.59 5.03
CA ARG C 101 -10.85 -13.64 5.33
C ARG C 101 -10.97 -14.55 4.09
N ILE C 102 -9.89 -14.72 3.31
CA ILE C 102 -9.98 -15.49 2.07
C ILE C 102 -10.36 -16.93 2.36
N ARG C 103 -9.82 -17.48 3.45
CA ARG C 103 -10.11 -18.89 3.80
C ARG C 103 -11.60 -19.24 3.84
N THR C 104 -12.41 -18.33 4.39
CA THR C 104 -13.84 -18.51 4.55
C THR C 104 -14.70 -17.89 3.47
N GLY C 105 -14.11 -16.97 2.70
CA GLY C 105 -14.86 -16.28 1.65
C GLY C 105 -15.84 -15.30 2.26
N GLU C 106 -15.63 -14.94 3.53
CA GLU C 106 -16.51 -14.03 4.25
C GLU C 106 -15.82 -12.88 4.99
N GLU C 107 -16.58 -11.86 5.35
CA GLU C 107 -16.00 -10.75 6.09
C GLU C 107 -15.41 -11.22 7.41
N ASP C 108 -14.66 -10.34 8.04
CA ASP C 108 -14.05 -10.62 9.33
C ASP C 108 -14.20 -9.36 10.20
#